data_2JWV
#
_entry.id   2JWV
#
_cell.length_a   1.000
_cell.length_b   1.000
_cell.length_c   1.000
_cell.angle_alpha   90.00
_cell.angle_beta   90.00
_cell.angle_gamma   90.00
#
_symmetry.space_group_name_H-M   'P 1'
#
_entity_poly.entity_id   1
_entity_poly.type   'polyribonucleotide'
_entity_poly.pdbx_seq_one_letter_code
;GAUACUUGAAACUGUAAGGUUGGCGUAUC
;
_entity_poly.pdbx_strand_id   A
#